data_1DSV
#
_entry.id   1DSV
#
_cell.length_a   1.000
_cell.length_b   1.000
_cell.length_c   1.000
_cell.angle_alpha   90.00
_cell.angle_beta   90.00
_cell.angle_gamma   90.00
#
_symmetry.space_group_name_H-M   'P 1'
#
loop_
_entity.id
_entity.type
_entity.pdbx_description
1 polymer 'NUCLEIC ACID BINDING PROTEIN P14'
2 non-polymer 'ZINC ION'
#
_entity_poly.entity_id   1
_entity_poly.type   'polypeptide(L)'
_entity_poly.pdbx_seq_one_letter_code
;PPGLCPRCKKGYHWKSECKSKFDKDGNPLPP
;
_entity_poly.pdbx_strand_id   A
#
loop_
_chem_comp.id
_chem_comp.type
_chem_comp.name
_chem_comp.formula
ZN non-polymer 'ZINC ION' 'Zn 2'
#
# COMPACT_ATOMS: atom_id res chain seq x y z
N PRO A 1 -6.72 -0.38 9.32
CA PRO A 1 -5.62 0.57 9.35
C PRO A 1 -5.10 0.85 7.94
N PRO A 2 -4.40 2.00 7.80
CA PRO A 2 -3.84 2.38 6.52
C PRO A 2 -2.60 1.56 6.19
N GLY A 3 -2.84 0.45 5.51
CA GLY A 3 -1.76 -0.44 5.12
C GLY A 3 -1.99 -1.02 3.72
N LEU A 4 -1.79 -0.19 2.73
CA LEU A 4 -1.96 -0.60 1.34
C LEU A 4 -0.94 -1.68 1.00
N CYS A 5 -1.42 -2.91 0.92
CA CYS A 5 -0.56 -4.04 0.60
C CYS A 5 0.36 -3.62 -0.55
N PRO A 6 1.64 -3.32 -0.18
CA PRO A 6 2.62 -2.91 -1.16
C PRO A 6 3.12 -4.10 -1.98
N ARG A 7 2.54 -5.26 -1.67
CA ARG A 7 2.91 -6.48 -2.37
C ARG A 7 2.07 -6.65 -3.64
N CYS A 8 0.79 -6.89 -3.43
CA CYS A 8 -0.13 -7.07 -4.55
C CYS A 8 -0.59 -5.69 -5.01
N LYS A 9 -0.73 -4.79 -4.05
CA LYS A 9 -1.15 -3.43 -4.35
C LYS A 9 -2.56 -3.47 -4.97
N LYS A 10 -3.41 -4.29 -4.38
CA LYS A 10 -4.77 -4.43 -4.85
C LYS A 10 -5.74 -4.35 -3.66
N GLY A 11 -5.19 -3.99 -2.52
CA GLY A 11 -5.98 -3.88 -1.30
C GLY A 11 -5.09 -3.55 -0.10
N TYR A 12 -5.74 -3.19 1.00
CA TYR A 12 -5.04 -2.86 2.21
C TYR A 12 -4.99 -4.06 3.16
N HIS A 13 -3.76 -4.49 3.45
CA HIS A 13 -3.56 -5.62 4.34
C HIS A 13 -2.06 -5.91 4.47
N TRP A 14 -1.74 -6.74 5.44
CA TRP A 14 -0.35 -7.11 5.68
C TRP A 14 0.04 -8.18 4.65
N LYS A 15 1.32 -8.20 4.32
CA LYS A 15 1.84 -9.16 3.36
C LYS A 15 1.40 -10.56 3.77
N SER A 16 1.66 -10.88 5.04
CA SER A 16 1.30 -12.18 5.56
C SER A 16 -0.22 -12.34 5.59
N GLU A 17 -0.89 -11.20 5.63
CA GLU A 17 -2.35 -11.20 5.67
C GLU A 17 -2.91 -11.18 4.25
N CYS A 18 -2.01 -10.99 3.29
CA CYS A 18 -2.41 -10.93 1.89
C CYS A 18 -3.12 -12.25 1.55
N LYS A 19 -4.40 -12.12 1.24
CA LYS A 19 -5.20 -13.28 0.88
C LYS A 19 -5.41 -13.31 -0.63
N SER A 20 -4.68 -12.43 -1.32
CA SER A 20 -4.78 -12.35 -2.77
C SER A 20 -4.16 -13.59 -3.41
N LYS A 21 -4.50 -13.80 -4.67
CA LYS A 21 -3.99 -14.94 -5.41
C LYS A 21 -2.63 -14.59 -6.00
N PHE A 22 -2.56 -13.39 -6.56
CA PHE A 22 -1.32 -12.91 -7.17
C PHE A 22 -0.95 -11.53 -6.64
N ASP A 23 0.29 -11.15 -6.89
CA ASP A 23 0.79 -9.86 -6.45
C ASP A 23 1.55 -9.18 -7.60
N LYS A 24 2.12 -8.03 -7.29
CA LYS A 24 2.87 -7.28 -8.28
C LYS A 24 3.65 -8.26 -9.17
N ASP A 25 3.88 -7.82 -10.40
CA ASP A 25 4.61 -8.65 -11.36
C ASP A 25 3.84 -9.95 -11.60
N GLY A 26 2.60 -9.96 -11.12
CA GLY A 26 1.75 -11.13 -11.29
C GLY A 26 2.39 -12.36 -10.63
N ASN A 27 2.95 -12.14 -9.46
CA ASN A 27 3.59 -13.22 -8.72
C ASN A 27 2.53 -13.97 -7.92
N PRO A 28 2.79 -15.30 -7.73
CA PRO A 28 1.88 -16.15 -6.99
C PRO A 28 1.97 -15.88 -5.49
N LEU A 29 0.97 -15.17 -4.98
CA LEU A 29 0.93 -14.84 -3.56
C LEU A 29 1.43 -16.04 -2.74
N PRO A 30 2.72 -15.95 -2.33
CA PRO A 30 3.33 -17.01 -1.55
C PRO A 30 2.82 -16.98 -0.10
N PRO A 31 2.94 -18.16 0.57
CA PRO A 31 2.51 -18.27 1.95
C PRO A 31 3.50 -17.60 2.89
ZN ZN B . -1.80 -8.30 -0.90
N PRO A 1 -6.72 -0.38 9.32
CA PRO A 1 -5.62 0.57 9.35
C PRO A 1 -5.10 0.85 7.94
N PRO A 2 -4.40 2.00 7.80
CA PRO A 2 -3.84 2.38 6.52
C PRO A 2 -2.60 1.56 6.19
N GLY A 3 -2.82 0.52 5.40
CA GLY A 3 -1.73 -0.35 5.00
C GLY A 3 -2.00 -0.97 3.62
N LEU A 4 -1.42 -0.35 2.61
CA LEU A 4 -1.58 -0.83 1.25
C LEU A 4 -0.89 -2.19 1.10
N CYS A 5 -1.71 -3.22 1.00
CA CYS A 5 -1.20 -4.58 0.86
C CYS A 5 -0.10 -4.56 -0.20
N PRO A 6 1.17 -4.63 0.28
CA PRO A 6 2.31 -4.62 -0.61
C PRO A 6 2.48 -5.97 -1.31
N ARG A 7 1.55 -6.87 -1.02
CA ARG A 7 1.57 -8.20 -1.60
C ARG A 7 0.80 -8.21 -2.92
N CYS A 8 -0.52 -8.04 -2.81
CA CYS A 8 -1.38 -8.02 -3.98
C CYS A 8 -1.35 -6.62 -4.57
N LYS A 9 -1.27 -5.63 -3.70
CA LYS A 9 -1.23 -4.25 -4.13
C LYS A 9 -2.51 -3.92 -4.88
N LYS A 10 -3.62 -4.44 -4.37
CA LYS A 10 -4.91 -4.21 -4.98
C LYS A 10 -5.90 -3.73 -3.92
N GLY A 11 -5.36 -3.42 -2.75
CA GLY A 11 -6.19 -2.95 -1.64
C GLY A 11 -5.35 -2.80 -0.37
N TYR A 12 -5.96 -2.16 0.62
CA TYR A 12 -5.28 -1.94 1.89
C TYR A 12 -5.69 -3.01 2.92
N HIS A 13 -4.69 -3.76 3.37
CA HIS A 13 -4.93 -4.82 4.35
C HIS A 13 -3.61 -5.51 4.67
N TRP A 14 -3.62 -6.25 5.77
CA TRP A 14 -2.44 -6.97 6.21
C TRP A 14 -2.28 -8.21 5.31
N LYS A 15 -1.04 -8.62 5.14
CA LYS A 15 -0.74 -9.78 4.31
C LYS A 15 -1.61 -10.95 4.76
N SER A 16 -1.58 -11.20 6.06
CA SER A 16 -2.37 -12.30 6.62
C SER A 16 -3.85 -11.99 6.49
N GLU A 17 -4.16 -10.71 6.38
CA GLU A 17 -5.54 -10.28 6.24
C GLU A 17 -5.95 -10.23 4.76
N CYS A 18 -4.95 -10.44 3.91
CA CYS A 18 -5.19 -10.44 2.47
C CYS A 18 -6.27 -11.47 2.16
N LYS A 19 -7.37 -10.98 1.62
CA LYS A 19 -8.48 -11.85 1.27
C LYS A 19 -8.60 -11.95 -0.25
N SER A 20 -7.57 -11.42 -0.92
CA SER A 20 -7.54 -11.44 -2.37
C SER A 20 -7.29 -12.86 -2.88
N LYS A 21 -7.63 -13.08 -4.14
CA LYS A 21 -7.43 -14.39 -4.75
C LYS A 21 -6.01 -14.50 -5.27
N PHE A 22 -5.55 -13.41 -5.87
CA PHE A 22 -4.21 -13.37 -6.42
C PHE A 22 -3.44 -12.14 -5.92
N ASP A 23 -2.13 -12.19 -6.10
CA ASP A 23 -1.28 -11.09 -5.68
C ASP A 23 -0.28 -10.77 -6.78
N LYS A 24 0.60 -9.82 -6.49
CA LYS A 24 1.62 -9.41 -7.45
C LYS A 24 2.10 -10.64 -8.23
N ASP A 25 2.52 -10.38 -9.46
CA ASP A 25 3.01 -11.44 -10.31
C ASP A 25 1.89 -12.45 -10.56
N GLY A 26 0.68 -12.04 -10.18
CA GLY A 26 -0.48 -12.89 -10.36
C GLY A 26 -0.32 -14.21 -9.61
N ASN A 27 0.24 -14.11 -8.40
CA ASN A 27 0.46 -15.29 -7.58
C ASN A 27 -0.83 -15.63 -6.83
N PRO A 28 -1.01 -16.95 -6.56
CA PRO A 28 -2.19 -17.41 -5.86
C PRO A 28 -2.10 -17.08 -4.36
N LEU A 29 -2.85 -16.07 -3.97
CA LEU A 29 -2.87 -15.65 -2.58
C LEU A 29 -2.83 -16.88 -1.68
N PRO A 30 -1.61 -17.18 -1.16
CA PRO A 30 -1.42 -18.33 -0.29
C PRO A 30 -1.97 -18.04 1.11
N PRO A 31 -2.03 -19.12 1.93
CA PRO A 31 -2.54 -19.00 3.28
C PRO A 31 -1.51 -18.32 4.19
ZN ZN B . -3.51 -8.47 -0.41
N PRO A 1 -6.72 -0.38 9.32
CA PRO A 1 -5.62 0.57 9.35
C PRO A 1 -5.10 0.85 7.94
N PRO A 2 -5.68 1.89 7.30
CA PRO A 2 -5.29 2.27 5.96
C PRO A 2 -3.93 2.99 5.96
N GLY A 3 -3.50 3.37 4.78
CA GLY A 3 -2.23 4.06 4.64
C GLY A 3 -2.02 4.51 3.19
N LEU A 4 -0.82 5.04 2.94
CA LEU A 4 -0.48 5.51 1.61
C LEU A 4 -0.49 4.33 0.63
N CYS A 5 -1.50 4.33 -0.22
CA CYS A 5 -1.64 3.27 -1.20
C CYS A 5 -0.27 2.99 -1.81
N PRO A 6 0.36 1.87 -1.32
CA PRO A 6 1.67 1.49 -1.81
C PRO A 6 1.58 0.87 -3.21
N ARG A 7 0.37 0.84 -3.73
CA ARG A 7 0.14 0.29 -5.05
C ARG A 7 0.33 1.37 -6.12
N CYS A 8 -0.55 2.36 -6.07
CA CYS A 8 -0.48 3.46 -7.02
C CYS A 8 0.42 4.55 -6.45
N LYS A 9 0.32 4.73 -5.15
CA LYS A 9 1.12 5.74 -4.46
C LYS A 9 0.68 7.14 -4.92
N LYS A 10 -0.62 7.33 -4.94
CA LYS A 10 -1.18 8.61 -5.35
C LYS A 10 -2.34 8.99 -4.43
N GLY A 11 -2.40 8.28 -3.31
CA GLY A 11 -3.45 8.53 -2.33
C GLY A 11 -3.48 7.44 -1.28
N TYR A 12 -3.96 7.80 -0.09
CA TYR A 12 -4.04 6.87 1.02
C TYR A 12 -5.33 6.04 0.93
N HIS A 13 -5.14 4.73 0.84
CA HIS A 13 -6.27 3.82 0.75
C HIS A 13 -5.77 2.38 0.65
N TRP A 14 -6.71 1.45 0.71
CA TRP A 14 -6.38 0.04 0.62
C TRP A 14 -6.22 -0.32 -0.85
N LYS A 15 -5.36 -1.29 -1.11
CA LYS A 15 -5.10 -1.73 -2.48
C LYS A 15 -6.44 -2.07 -3.15
N SER A 16 -7.23 -2.86 -2.45
CA SER A 16 -8.54 -3.25 -2.96
C SER A 16 -9.46 -2.04 -3.07
N GLU A 17 -9.16 -1.04 -2.25
CA GLU A 17 -9.95 0.18 -2.24
C GLU A 17 -9.37 1.19 -3.24
N CYS A 18 -8.23 0.84 -3.81
CA CYS A 18 -7.58 1.69 -4.78
C CYS A 18 -8.58 2.04 -5.87
N LYS A 19 -8.89 3.33 -5.97
CA LYS A 19 -9.83 3.80 -6.96
C LYS A 19 -9.09 4.60 -8.03
N SER A 20 -7.76 4.50 -7.98
CA SER A 20 -6.93 5.20 -8.93
C SER A 20 -6.99 4.52 -10.31
N LYS A 21 -6.74 5.31 -11.34
CA LYS A 21 -6.77 4.79 -12.69
C LYS A 21 -5.51 3.97 -12.95
N PHE A 22 -4.37 4.61 -12.71
CA PHE A 22 -3.08 3.95 -12.91
C PHE A 22 -2.33 3.80 -11.59
N ASP A 23 -1.40 2.85 -11.58
CA ASP A 23 -0.61 2.60 -10.38
C ASP A 23 0.86 2.48 -10.78
N LYS A 24 1.68 2.16 -9.78
CA LYS A 24 3.11 2.03 -10.00
C LYS A 24 3.34 1.39 -11.38
N ASP A 25 4.48 1.74 -11.97
CA ASP A 25 4.83 1.21 -13.27
C ASP A 25 3.76 1.62 -14.29
N GLY A 26 2.92 2.55 -13.88
CA GLY A 26 1.86 3.04 -14.75
C GLY A 26 0.94 1.89 -15.18
N ASN A 27 0.59 1.06 -14.22
CA ASN A 27 -0.27 -0.08 -14.49
C ASN A 27 -1.73 0.36 -14.35
N PRO A 28 -2.58 -0.21 -15.25
CA PRO A 28 -4.00 0.12 -15.24
C PRO A 28 -4.71 -0.58 -14.08
N LEU A 29 -4.99 0.20 -13.05
CA LEU A 29 -5.67 -0.32 -11.87
C LEU A 29 -6.74 -1.33 -12.32
N PRO A 30 -6.38 -2.63 -12.23
CA PRO A 30 -7.30 -3.69 -12.61
C PRO A 30 -8.39 -3.88 -11.56
N PRO A 31 -9.45 -4.65 -11.95
CA PRO A 31 -10.56 -4.91 -11.05
C PRO A 31 -10.16 -5.94 -9.98
ZN ZN B . -4.23 3.31 -5.11
N PRO A 1 -6.72 -0.38 9.32
CA PRO A 1 -5.62 0.57 9.35
C PRO A 1 -5.10 0.85 7.94
N PRO A 2 -4.31 1.94 7.83
CA PRO A 2 -3.74 2.32 6.55
C PRO A 2 -2.58 1.41 6.17
N GLY A 3 -2.89 0.13 6.04
CA GLY A 3 -1.89 -0.85 5.68
C GLY A 3 -2.53 -2.20 5.33
N LEU A 4 -1.69 -3.22 5.25
CA LEU A 4 -2.17 -4.56 4.92
C LEU A 4 -3.29 -4.95 5.89
N CYS A 5 -4.50 -4.97 5.36
CA CYS A 5 -5.65 -5.32 6.16
C CYS A 5 -5.28 -6.50 7.06
N PRO A 6 -5.00 -6.19 8.35
CA PRO A 6 -4.63 -7.21 9.31
C PRO A 6 -5.85 -8.03 9.74
N ARG A 7 -6.99 -7.70 9.15
CA ARG A 7 -8.23 -8.38 9.46
C ARG A 7 -8.37 -9.63 8.57
N CYS A 8 -8.52 -9.38 7.28
CA CYS A 8 -8.67 -10.47 6.33
C CYS A 8 -7.27 -10.89 5.86
N LYS A 9 -6.41 -9.90 5.70
CA LYS A 9 -5.06 -10.16 5.24
C LYS A 9 -5.08 -10.66 3.80
N LYS A 10 -5.83 -9.96 2.98
CA LYS A 10 -5.95 -10.33 1.57
C LYS A 10 -5.89 -9.06 0.71
N GLY A 11 -5.48 -7.98 1.35
CA GLY A 11 -5.38 -6.71 0.65
C GLY A 11 -5.16 -5.55 1.64
N TYR A 12 -4.58 -4.48 1.13
CA TYR A 12 -4.31 -3.31 1.95
C TYR A 12 -5.54 -2.39 2.01
N HIS A 13 -5.93 -2.10 3.24
CA HIS A 13 -7.09 -1.23 3.46
C HIS A 13 -7.39 -1.15 4.95
N TRP A 14 -8.28 -0.24 5.30
CA TRP A 14 -8.67 -0.04 6.69
C TRP A 14 -9.59 -1.19 7.08
N LYS A 15 -9.52 -1.55 8.36
CA LYS A 15 -10.34 -2.63 8.88
C LYS A 15 -11.80 -2.39 8.51
N SER A 16 -12.25 -1.18 8.81
CA SER A 16 -13.63 -0.80 8.50
C SER A 16 -13.83 -0.70 6.99
N GLU A 17 -12.72 -0.51 6.29
CA GLU A 17 -12.75 -0.40 4.84
C GLU A 17 -12.69 -1.79 4.20
N CYS A 18 -12.50 -2.79 5.05
CA CYS A 18 -12.42 -4.17 4.58
C CYS A 18 -13.71 -4.49 3.82
N LYS A 19 -13.54 -4.72 2.53
CA LYS A 19 -14.67 -5.04 1.67
C LYS A 19 -14.63 -6.53 1.32
N SER A 20 -13.79 -7.25 2.04
CA SER A 20 -13.64 -8.68 1.80
C SER A 20 -14.84 -9.43 2.38
N LYS A 21 -15.18 -10.53 1.72
CA LYS A 21 -16.30 -11.34 2.17
C LYS A 21 -15.96 -12.01 3.49
N PHE A 22 -14.76 -12.58 3.54
CA PHE A 22 -14.29 -13.26 4.73
C PHE A 22 -12.95 -12.69 5.20
N ASP A 23 -12.58 -13.06 6.41
CA ASP A 23 -11.33 -12.58 7.00
C ASP A 23 -10.64 -13.75 7.72
N LYS A 24 -9.53 -13.42 8.35
CA LYS A 24 -8.76 -14.43 9.09
C LYS A 24 -9.73 -15.40 9.76
N ASP A 25 -9.26 -16.63 9.91
CA ASP A 25 -10.07 -17.66 10.54
C ASP A 25 -11.32 -17.89 9.71
N GLY A 26 -11.32 -17.34 8.50
CA GLY A 26 -12.44 -17.47 7.60
C GLY A 26 -13.72 -16.92 8.24
N ASN A 27 -13.57 -15.77 8.87
CA ASN A 27 -14.70 -15.12 9.53
C ASN A 27 -15.45 -14.27 8.50
N PRO A 28 -16.80 -14.21 8.69
CA PRO A 28 -17.66 -13.44 7.80
C PRO A 28 -17.51 -11.95 8.06
N LEU A 29 -16.80 -11.29 7.16
CA LEU A 29 -16.58 -9.85 7.29
C LEU A 29 -17.86 -9.19 7.79
N PRO A 30 -17.89 -8.91 9.12
CA PRO A 30 -19.04 -8.28 9.73
C PRO A 30 -19.10 -6.79 9.39
N PRO A 31 -20.24 -6.15 9.78
CA PRO A 31 -20.44 -4.74 9.51
C PRO A 31 -19.60 -3.88 10.46
ZN ZN B . -9.81 -6.78 4.60
N PRO A 1 -6.72 -0.38 9.32
CA PRO A 1 -5.62 0.57 9.35
C PRO A 1 -5.10 0.85 7.94
N PRO A 2 -5.86 1.70 7.20
CA PRO A 2 -5.48 2.06 5.85
C PRO A 2 -4.31 3.03 5.83
N GLY A 3 -4.60 4.26 6.22
CA GLY A 3 -3.58 5.30 6.25
C GLY A 3 -3.17 5.71 4.84
N LEU A 4 -4.11 6.31 4.13
CA LEU A 4 -3.85 6.76 2.78
C LEU A 4 -2.83 7.90 2.80
N CYS A 5 -1.62 7.58 2.38
CA CYS A 5 -0.55 8.57 2.35
C CYS A 5 -1.12 9.87 1.79
N PRO A 6 -1.38 10.83 2.73
CA PRO A 6 -1.93 12.12 2.34
C PRO A 6 -0.85 12.99 1.70
N ARG A 7 0.34 12.43 1.58
CA ARG A 7 1.46 13.14 0.99
C ARG A 7 1.46 12.96 -0.53
N CYS A 8 1.73 11.73 -0.95
CA CYS A 8 1.76 11.41 -2.37
C CYS A 8 0.33 11.13 -2.83
N LYS A 9 -0.43 10.52 -1.94
CA LYS A 9 -1.81 10.18 -2.24
C LYS A 9 -1.85 9.21 -3.42
N LYS A 10 -0.96 8.23 -3.36
CA LYS A 10 -0.88 7.23 -4.41
C LYS A 10 -0.79 5.83 -3.78
N GLY A 11 -1.03 5.79 -2.48
CA GLY A 11 -0.97 4.54 -1.75
C GLY A 11 -1.11 4.78 -0.23
N TYR A 12 -1.32 3.69 0.48
CA TYR A 12 -1.48 3.76 1.93
C TYR A 12 -0.16 3.47 2.63
N HIS A 13 0.28 4.43 3.43
CA HIS A 13 1.53 4.29 4.17
C HIS A 13 1.80 5.57 4.96
N TRP A 14 2.86 5.51 5.77
CA TRP A 14 3.23 6.65 6.58
C TRP A 14 4.10 7.57 5.71
N LYS A 15 4.03 8.86 6.02
CA LYS A 15 4.81 9.85 5.29
C LYS A 15 6.28 9.44 5.29
N SER A 16 6.78 9.13 6.47
CA SER A 16 8.16 8.71 6.62
C SER A 16 8.38 7.36 5.94
N GLU A 17 7.28 6.65 5.74
CA GLU A 17 7.34 5.34 5.10
C GLU A 17 7.07 5.47 3.60
N CYS A 18 6.72 6.68 3.20
CA CYS A 18 6.42 6.95 1.80
C CYS A 18 7.62 6.46 0.96
N LYS A 19 7.34 5.46 0.13
CA LYS A 19 8.38 4.91 -0.73
C LYS A 19 8.11 5.32 -2.17
N SER A 20 7.20 6.27 -2.32
CA SER A 20 6.84 6.75 -3.65
C SER A 20 7.98 7.59 -4.23
N LYS A 21 7.75 8.09 -5.44
CA LYS A 21 8.75 8.91 -6.10
C LYS A 21 8.63 10.35 -5.62
N PHE A 22 7.51 10.95 -5.95
CA PHE A 22 7.25 12.33 -5.55
C PHE A 22 5.85 12.49 -4.95
N ASP A 23 5.72 13.49 -4.10
CA ASP A 23 4.44 13.75 -3.45
C ASP A 23 3.98 15.17 -3.79
N LYS A 24 2.86 15.55 -3.21
CA LYS A 24 2.30 16.88 -3.44
C LYS A 24 3.44 17.88 -3.54
N ASP A 25 3.17 18.97 -4.26
CA ASP A 25 4.16 20.02 -4.45
C ASP A 25 5.37 19.44 -5.20
N GLY A 26 5.20 18.23 -5.70
CA GLY A 26 6.25 17.56 -6.43
C GLY A 26 7.49 17.36 -5.55
N ASN A 27 7.23 17.05 -4.29
CA ASN A 27 8.31 16.83 -3.34
C ASN A 27 8.91 15.44 -3.57
N PRO A 28 10.27 15.38 -3.50
CA PRO A 28 10.97 14.13 -3.69
C PRO A 28 10.83 13.22 -2.45
N LEU A 29 10.61 11.95 -2.72
CA LEU A 29 10.46 10.98 -1.66
C LEU A 29 11.70 10.09 -1.59
N PRO A 30 11.91 9.49 -0.39
CA PRO A 30 13.06 8.61 -0.19
C PRO A 30 12.85 7.26 -0.88
N PRO A 31 13.96 6.47 -0.93
CA PRO A 31 13.91 5.16 -1.55
C PRO A 31 13.19 4.15 -0.65
ZN ZN B . 3.48 8.39 -0.04
N PRO A 1 -6.72 -0.38 9.32
CA PRO A 1 -5.62 0.57 9.35
C PRO A 1 -5.10 0.85 7.94
N PRO A 2 -5.93 1.58 7.15
CA PRO A 2 -5.57 1.91 5.79
C PRO A 2 -4.50 3.01 5.76
N GLY A 3 -3.25 2.60 5.68
CA GLY A 3 -2.14 3.53 5.65
C GLY A 3 -1.79 3.91 4.21
N LEU A 4 -2.78 4.46 3.52
CA LEU A 4 -2.59 4.88 2.14
C LEU A 4 -1.61 6.05 2.10
N CYS A 5 -0.42 5.77 1.60
CA CYS A 5 0.60 6.80 1.50
C CYS A 5 0.01 8.02 0.81
N PRO A 6 -0.26 9.07 1.64
CA PRO A 6 -0.84 10.30 1.12
C PRO A 6 0.21 11.12 0.35
N ARG A 7 1.40 10.56 0.26
CA ARG A 7 2.49 11.21 -0.45
C ARG A 7 2.50 10.78 -1.91
N CYS A 8 2.81 9.51 -2.13
CA CYS A 8 2.86 8.96 -3.47
C CYS A 8 1.44 8.58 -3.89
N LYS A 9 0.69 8.09 -2.92
CA LYS A 9 -0.69 7.68 -3.17
C LYS A 9 -0.70 6.58 -4.24
N LYS A 10 0.29 5.71 -4.16
CA LYS A 10 0.42 4.62 -5.11
C LYS A 10 0.47 3.30 -4.35
N GLY A 11 0.18 3.37 -3.06
CA GLY A 11 0.21 2.19 -2.21
C GLY A 11 0.07 2.57 -0.74
N TYR A 12 -0.12 1.56 0.09
CA TYR A 12 -0.27 1.77 1.51
C TYR A 12 1.06 1.54 2.24
N HIS A 13 1.56 2.60 2.85
CA HIS A 13 2.82 2.53 3.58
C HIS A 13 3.13 3.89 4.20
N TRP A 14 3.95 3.85 5.24
CA TRP A 14 4.34 5.07 5.94
C TRP A 14 5.36 5.80 5.07
N LYS A 15 5.33 7.12 5.17
CA LYS A 15 6.25 7.96 4.41
C LYS A 15 7.67 7.47 4.62
N SER A 16 7.99 7.22 5.89
CA SER A 16 9.32 6.74 6.24
C SER A 16 9.62 5.42 5.54
N GLU A 17 8.55 4.67 5.29
CA GLU A 17 8.68 3.39 4.62
C GLU A 17 8.47 3.54 3.12
N CYS A 18 7.98 4.72 2.74
CA CYS A 18 7.74 5.01 1.33
C CYS A 18 9.00 4.71 0.55
N LYS A 19 8.87 3.81 -0.42
CA LYS A 19 10.00 3.42 -1.25
C LYS A 19 9.71 3.79 -2.70
N SER A 20 8.65 4.57 -2.87
CA SER A 20 8.26 5.01 -4.21
C SER A 20 9.35 5.88 -4.82
N LYS A 21 9.21 6.16 -6.11
CA LYS A 21 10.17 6.97 -6.81
C LYS A 21 9.61 8.38 -7.01
N PHE A 22 8.33 8.42 -7.40
CA PHE A 22 7.67 9.68 -7.61
C PHE A 22 6.38 9.78 -6.79
N ASP A 23 6.06 10.99 -6.38
CA ASP A 23 4.87 11.24 -5.58
C ASP A 23 4.13 12.45 -6.13
N LYS A 24 3.05 12.81 -5.46
CA LYS A 24 2.25 13.95 -5.87
C LYS A 24 3.16 15.04 -6.42
N ASP A 25 2.63 15.81 -7.35
CA ASP A 25 3.39 16.90 -7.96
C ASP A 25 4.62 16.32 -8.66
N GLY A 26 4.61 15.00 -8.82
CA GLY A 26 5.72 14.32 -9.46
C GLY A 26 7.03 14.59 -8.73
N ASN A 27 6.96 14.54 -7.41
CA ASN A 27 8.13 14.77 -6.58
C ASN A 27 8.90 13.47 -6.42
N PRO A 28 10.25 13.59 -6.45
CA PRO A 28 11.12 12.44 -6.30
C PRO A 28 11.15 11.95 -4.85
N LEU A 29 10.44 10.87 -4.60
CA LEU A 29 10.37 10.30 -3.27
C LEU A 29 11.76 10.40 -2.61
N PRO A 30 11.91 11.44 -1.76
CA PRO A 30 13.17 11.65 -1.06
C PRO A 30 13.35 10.65 0.08
N PRO A 31 14.56 10.69 0.69
CA PRO A 31 14.88 9.78 1.79
C PRO A 31 14.17 10.21 3.07
ZN ZN B . 4.74 6.46 -0.65
N PRO A 1 -6.72 -0.38 9.32
CA PRO A 1 -5.62 0.57 9.35
C PRO A 1 -5.10 0.85 7.94
N PRO A 2 -4.49 2.04 7.77
CA PRO A 2 -3.95 2.44 6.49
C PRO A 2 -2.64 1.71 6.20
N GLY A 3 -2.24 1.75 4.94
CA GLY A 3 -1.02 1.08 4.52
C GLY A 3 -0.84 1.18 3.00
N LEU A 4 0.19 0.48 2.52
CA LEU A 4 0.48 0.48 1.10
C LEU A 4 -0.70 -0.14 0.34
N CYS A 5 -1.42 0.72 -0.36
CA CYS A 5 -2.58 0.28 -1.13
C CYS A 5 -2.21 -1.03 -1.85
N PRO A 6 -2.68 -2.16 -1.27
CA PRO A 6 -2.40 -3.47 -1.84
C PRO A 6 -3.25 -3.71 -3.09
N ARG A 7 -4.02 -2.71 -3.45
CA ARG A 7 -4.89 -2.78 -4.61
C ARG A 7 -4.13 -2.35 -5.87
N CYS A 8 -3.77 -1.08 -5.90
CA CYS A 8 -3.03 -0.53 -7.02
C CYS A 8 -1.54 -0.72 -6.77
N LYS A 9 -1.16 -0.58 -5.51
CA LYS A 9 0.23 -0.74 -5.12
C LYS A 9 1.07 0.37 -5.77
N LYS A 10 0.56 1.58 -5.65
CA LYS A 10 1.25 2.73 -6.21
C LYS A 10 1.17 3.90 -5.24
N GLY A 11 0.78 3.58 -4.01
CA GLY A 11 0.66 4.60 -2.97
C GLY A 11 -0.04 4.03 -1.74
N TYR A 12 0.21 4.68 -0.61
CA TYR A 12 -0.39 4.25 0.64
C TYR A 12 -1.76 4.89 0.85
N HIS A 13 -2.76 4.03 1.02
CA HIS A 13 -4.12 4.50 1.22
C HIS A 13 -5.06 3.29 1.33
N TRP A 14 -6.30 3.59 1.70
CA TRP A 14 -7.30 2.55 1.85
C TRP A 14 -7.80 2.18 0.45
N LYS A 15 -8.20 0.93 0.30
CA LYS A 15 -8.70 0.44 -0.97
C LYS A 15 -9.82 1.36 -1.46
N SER A 16 -10.78 1.61 -0.56
CA SER A 16 -11.90 2.46 -0.89
C SER A 16 -11.43 3.91 -1.05
N GLU A 17 -10.25 4.18 -0.52
CA GLU A 17 -9.66 5.51 -0.61
C GLU A 17 -8.75 5.62 -1.83
N CYS A 18 -8.58 4.49 -2.49
CA CYS A 18 -7.74 4.44 -3.68
C CYS A 18 -8.24 5.49 -4.66
N LYS A 19 -7.38 6.46 -4.94
CA LYS A 19 -7.73 7.53 -5.86
C LYS A 19 -6.96 7.34 -7.17
N SER A 20 -6.34 6.18 -7.28
CA SER A 20 -5.57 5.85 -8.48
C SER A 20 -6.51 5.54 -9.63
N LYS A 21 -6.02 5.80 -10.84
CA LYS A 21 -6.81 5.56 -12.03
C LYS A 21 -6.88 4.05 -12.30
N PHE A 22 -5.72 3.41 -12.17
CA PHE A 22 -5.64 1.98 -12.38
C PHE A 22 -5.03 1.27 -11.17
N ASP A 23 -5.16 -0.05 -11.16
CA ASP A 23 -4.63 -0.84 -10.08
C ASP A 23 -3.96 -2.11 -10.65
N LYS A 24 -3.52 -2.96 -9.74
CA LYS A 24 -2.86 -4.20 -10.13
C LYS A 24 -3.56 -4.76 -11.37
N ASP A 25 -2.78 -5.47 -12.18
CA ASP A 25 -3.31 -6.07 -13.40
C ASP A 25 -3.82 -4.96 -14.31
N GLY A 26 -3.46 -3.73 -13.98
CA GLY A 26 -3.87 -2.58 -14.77
C GLY A 26 -5.40 -2.49 -14.85
N ASN A 27 -6.03 -2.73 -13.71
CA ASN A 27 -7.48 -2.68 -13.64
C ASN A 27 -7.93 -1.24 -13.42
N PRO A 28 -9.10 -0.89 -14.04
CA PRO A 28 -9.64 0.45 -13.91
C PRO A 28 -10.27 0.66 -12.53
N LEU A 29 -9.54 1.39 -11.69
CA LEU A 29 -10.01 1.67 -10.35
C LEU A 29 -11.52 1.94 -10.39
N PRO A 30 -12.30 0.88 -10.02
CA PRO A 30 -13.74 0.99 -10.01
C PRO A 30 -14.22 1.81 -8.81
N PRO A 31 -14.81 3.00 -9.11
CA PRO A 31 -15.31 3.88 -8.07
C PRO A 31 -16.62 3.35 -7.49
ZN ZN B . -4.69 2.51 -4.65
N PRO A 1 -6.72 -0.38 9.32
CA PRO A 1 -5.62 0.57 9.35
C PRO A 1 -5.10 0.85 7.94
N PRO A 2 -4.19 1.85 7.85
CA PRO A 2 -3.61 2.22 6.57
C PRO A 2 -2.56 1.19 6.13
N GLY A 3 -1.75 0.78 7.08
CA GLY A 3 -0.71 -0.21 6.81
C GLY A 3 0.63 0.49 6.55
N LEU A 4 1.34 0.78 7.64
CA LEU A 4 2.63 1.43 7.54
C LEU A 4 3.63 0.47 6.94
N CYS A 5 4.00 0.75 5.69
CA CYS A 5 4.96 -0.08 4.99
C CYS A 5 6.15 -0.34 5.91
N PRO A 6 6.20 -1.59 6.45
CA PRO A 6 7.27 -1.98 7.35
C PRO A 6 8.57 -2.22 6.58
N ARG A 7 8.49 -2.02 5.28
CA ARG A 7 9.65 -2.21 4.42
C ARG A 7 10.45 -0.91 4.30
N CYS A 8 9.83 0.07 3.64
CA CYS A 8 10.48 1.36 3.46
C CYS A 8 10.27 2.18 4.73
N LYS A 9 9.10 2.02 5.33
CA LYS A 9 8.76 2.74 6.54
C LYS A 9 8.81 4.25 6.26
N LYS A 10 8.35 4.61 5.08
CA LYS A 10 8.33 6.00 4.68
C LYS A 10 6.93 6.37 4.19
N GLY A 11 5.99 5.47 4.43
CA GLY A 11 4.62 5.69 4.02
C GLY A 11 3.76 4.45 4.29
N TYR A 12 2.45 4.64 4.17
CA TYR A 12 1.52 3.55 4.42
C TYR A 12 1.08 2.90 3.09
N HIS A 13 1.43 1.63 2.96
CA HIS A 13 1.08 0.89 1.76
C HIS A 13 1.59 -0.55 1.88
N TRP A 14 1.06 -1.41 1.02
CA TRP A 14 1.44 -2.80 1.03
C TRP A 14 2.80 -2.93 0.33
N LYS A 15 3.54 -3.95 0.73
CA LYS A 15 4.85 -4.18 0.14
C LYS A 15 4.73 -4.23 -1.38
N SER A 16 3.79 -5.04 -1.85
CA SER A 16 3.56 -5.18 -3.28
C SER A 16 3.03 -3.86 -3.85
N GLU A 17 2.48 -3.03 -2.96
CA GLU A 17 1.94 -1.76 -3.36
C GLU A 17 2.98 -0.65 -3.20
N CYS A 18 4.08 -1.02 -2.57
CA CYS A 18 5.17 -0.07 -2.35
C CYS A 18 5.61 0.49 -3.70
N LYS A 19 5.41 1.79 -3.85
CA LYS A 19 5.79 2.46 -5.08
C LYS A 19 7.03 3.32 -4.84
N SER A 20 7.64 3.11 -3.68
CA SER A 20 8.83 3.85 -3.33
C SER A 20 10.02 3.39 -4.17
N LYS A 21 11.10 4.14 -4.07
CA LYS A 21 12.30 3.81 -4.81
C LYS A 21 13.26 3.00 -3.93
N PHE A 22 13.34 3.42 -2.67
CA PHE A 22 14.20 2.74 -1.72
C PHE A 22 13.44 2.39 -0.44
N ASP A 23 14.03 1.49 0.34
CA ASP A 23 13.41 1.06 1.58
C ASP A 23 14.46 1.04 2.68
N LYS A 24 14.05 0.59 3.86
CA LYS A 24 14.94 0.51 5.00
C LYS A 24 16.33 0.10 4.51
N ASP A 25 17.34 0.54 5.26
CA ASP A 25 18.71 0.22 4.92
C ASP A 25 19.04 0.80 3.54
N GLY A 26 18.15 1.66 3.06
CA GLY A 26 18.34 2.28 1.77
C GLY A 26 18.42 1.22 0.66
N ASN A 27 17.59 0.21 0.78
CA ASN A 27 17.56 -0.87 -0.19
C ASN A 27 16.72 -0.45 -1.39
N PRO A 28 17.11 -0.98 -2.58
CA PRO A 28 16.40 -0.66 -3.81
C PRO A 28 15.06 -1.40 -3.88
N LEU A 29 13.99 -0.65 -3.61
CA LEU A 29 12.66 -1.22 -3.64
C LEU A 29 12.55 -2.22 -4.79
N PRO A 30 12.68 -3.53 -4.44
CA PRO A 30 12.61 -4.58 -5.43
C PRO A 30 11.15 -4.82 -5.88
N PRO A 31 10.89 -4.49 -7.17
CA PRO A 31 9.56 -4.66 -7.71
C PRO A 31 9.26 -6.14 -7.99
ZN ZN B . 7.15 0.84 0.95
N PRO A 1 -6.72 -0.38 9.32
CA PRO A 1 -5.62 0.57 9.35
C PRO A 1 -5.10 0.85 7.94
N PRO A 2 -5.78 1.80 7.25
CA PRO A 2 -5.40 2.16 5.89
C PRO A 2 -4.12 3.01 5.90
N GLY A 3 -4.00 3.82 6.94
CA GLY A 3 -2.85 4.69 7.08
C GLY A 3 -3.26 6.08 7.61
N LEU A 4 -2.72 6.41 8.77
CA LEU A 4 -3.02 7.68 9.40
C LEU A 4 -2.49 8.82 8.50
N CYS A 5 -3.42 9.48 7.83
CA CYS A 5 -3.07 10.57 6.95
C CYS A 5 -2.10 11.50 7.70
N PRO A 6 -0.81 11.40 7.32
CA PRO A 6 0.22 12.22 7.94
C PRO A 6 0.15 13.66 7.45
N ARG A 7 -0.84 13.92 6.60
CA ARG A 7 -1.04 15.25 6.05
C ARG A 7 -1.97 16.07 6.95
N CYS A 8 -3.22 15.64 7.00
CA CYS A 8 -4.21 16.32 7.81
C CYS A 8 -4.11 15.80 9.24
N LYS A 9 -3.64 14.56 9.35
CA LYS A 9 -3.49 13.93 10.65
C LYS A 9 -4.79 14.06 11.44
N LYS A 10 -5.90 13.93 10.71
CA LYS A 10 -7.21 14.03 11.32
C LYS A 10 -8.06 12.82 10.91
N GLY A 11 -7.38 11.81 10.40
CA GLY A 11 -8.05 10.60 9.96
C GLY A 11 -7.09 9.68 9.20
N TYR A 12 -7.55 8.46 8.95
CA TYR A 12 -6.75 7.49 8.24
C TYR A 12 -7.18 7.40 6.78
N HIS A 13 -6.26 7.76 5.89
CA HIS A 13 -6.53 7.72 4.47
C HIS A 13 -5.29 8.18 3.70
N TRP A 14 -5.30 7.92 2.40
CA TRP A 14 -4.19 8.30 1.54
C TRP A 14 -4.36 9.78 1.20
N LYS A 15 -3.22 10.44 1.01
CA LYS A 15 -3.22 11.85 0.67
C LYS A 15 -4.13 12.08 -0.54
N SER A 16 -3.97 11.21 -1.54
CA SER A 16 -4.77 11.32 -2.75
C SER A 16 -6.24 11.13 -2.42
N GLU A 17 -6.49 10.36 -1.36
CA GLU A 17 -7.86 10.10 -0.93
C GLU A 17 -8.28 11.11 0.14
N CYS A 18 -7.30 11.88 0.59
CA CYS A 18 -7.56 12.89 1.61
C CYS A 18 -8.68 13.80 1.11
N LYS A 19 -9.74 13.86 1.90
CA LYS A 19 -10.89 14.69 1.55
C LYS A 19 -11.09 15.74 2.65
N SER A 20 -10.10 15.85 3.51
CA SER A 20 -10.17 16.81 4.60
C SER A 20 -10.30 18.23 4.04
N LYS A 21 -10.34 19.18 4.96
CA LYS A 21 -10.47 20.58 4.58
C LYS A 21 -9.17 21.32 4.94
N PHE A 22 -8.69 21.05 6.14
CA PHE A 22 -7.48 21.68 6.62
C PHE A 22 -6.49 20.64 7.17
N ASP A 23 -5.24 20.78 6.79
CA ASP A 23 -4.21 19.87 7.24
C ASP A 23 -3.08 20.66 7.91
N LYS A 24 -2.03 19.94 8.29
CA LYS A 24 -0.89 20.56 8.94
C LYS A 24 -0.66 21.94 8.32
N ASP A 25 -0.11 22.83 9.13
CA ASP A 25 0.17 24.18 8.68
C ASP A 25 -1.12 24.86 8.24
N GLY A 26 -2.23 24.23 8.61
CA GLY A 26 -3.54 24.76 8.27
C GLY A 26 -3.69 24.91 6.76
N ASN A 27 -3.20 23.91 6.04
CA ASN A 27 -3.28 23.93 4.58
C ASN A 27 -4.65 23.43 4.15
N PRO A 28 -5.25 24.16 3.17
CA PRO A 28 -6.55 23.80 2.66
C PRO A 28 -6.47 22.58 1.73
N LEU A 29 -6.87 21.44 2.26
CA LEU A 29 -6.84 20.21 1.50
C LEU A 29 -7.29 20.49 0.07
N PRO A 30 -6.90 19.57 -0.85
CA PRO A 30 -7.27 19.70 -2.25
C PRO A 30 -8.73 19.36 -2.48
N PRO A 31 -9.27 19.83 -3.63
CA PRO A 31 -10.66 19.58 -3.98
C PRO A 31 -10.85 18.13 -4.44
ZN ZN B . -5.93 13.73 5.04
N PRO A 1 -6.72 -0.38 9.32
CA PRO A 1 -5.62 0.57 9.35
C PRO A 1 -5.10 0.85 7.94
N PRO A 2 -4.50 2.05 7.77
CA PRO A 2 -3.96 2.44 6.49
C PRO A 2 -2.64 1.71 6.20
N GLY A 3 -2.76 0.42 5.95
CA GLY A 3 -1.60 -0.40 5.66
C GLY A 3 -1.69 -1.01 4.26
N LEU A 4 -0.75 -1.90 3.97
CA LEU A 4 -0.72 -2.56 2.68
C LEU A 4 -2.00 -3.36 2.48
N CYS A 5 -2.85 -2.86 1.60
CA CYS A 5 -4.12 -3.52 1.31
C CYS A 5 -3.86 -5.03 1.23
N PRO A 6 -4.21 -5.73 2.34
CA PRO A 6 -4.02 -7.16 2.41
C PRO A 6 -5.08 -7.90 1.58
N ARG A 7 -5.92 -7.11 0.93
CA ARG A 7 -6.98 -7.66 0.10
C ARG A 7 -6.46 -7.94 -1.31
N CYS A 8 -6.11 -6.86 -1.99
CA CYS A 8 -5.59 -6.97 -3.35
C CYS A 8 -4.07 -7.11 -3.27
N LYS A 9 -3.49 -6.39 -2.33
CA LYS A 9 -2.05 -6.43 -2.14
C LYS A 9 -1.36 -5.81 -3.35
N LYS A 10 -1.85 -4.63 -3.73
CA LYS A 10 -1.30 -3.91 -4.87
C LYS A 10 -1.20 -2.42 -4.53
N GLY A 11 -1.33 -2.14 -3.24
CA GLY A 11 -1.26 -0.76 -2.77
C GLY A 11 -1.74 -0.64 -1.33
N TYR A 12 -1.30 0.42 -0.67
CA TYR A 12 -1.68 0.66 0.71
C TYR A 12 -3.01 1.41 0.79
N HIS A 13 -3.95 0.82 1.52
CA HIS A 13 -5.27 1.42 1.68
C HIS A 13 -6.16 0.48 2.48
N TRP A 14 -7.31 1.00 2.89
CA TRP A 14 -8.25 0.23 3.67
C TRP A 14 -8.97 -0.74 2.71
N LYS A 15 -9.35 -1.88 3.25
CA LYS A 15 -10.04 -2.88 2.46
C LYS A 15 -11.25 -2.24 1.76
N SER A 16 -12.05 -1.55 2.55
CA SER A 16 -13.23 -0.88 2.03
C SER A 16 -12.81 0.28 1.13
N GLU A 17 -11.57 0.71 1.29
CA GLU A 17 -11.04 1.81 0.51
C GLU A 17 -10.37 1.28 -0.77
N CYS A 18 -10.30 -0.05 -0.85
CA CYS A 18 -9.68 -0.69 -2.00
C CYS A 18 -10.47 -0.29 -3.24
N LYS A 19 -9.79 0.41 -4.14
CA LYS A 19 -10.41 0.86 -5.38
C LYS A 19 -9.81 0.07 -6.55
N SER A 20 -9.09 -0.98 -6.21
CA SER A 20 -8.47 -1.82 -7.22
C SER A 20 -9.54 -2.54 -8.03
N LYS A 21 -9.10 -3.18 -9.10
CA LYS A 21 -10.00 -3.91 -9.97
C LYS A 21 -9.98 -5.40 -9.60
N PHE A 22 -8.78 -5.90 -9.38
CA PHE A 22 -8.59 -7.30 -9.02
C PHE A 22 -7.80 -7.43 -7.72
N ASP A 23 -8.21 -8.39 -6.91
CA ASP A 23 -7.54 -8.63 -5.64
C ASP A 23 -7.13 -10.11 -5.56
N LYS A 24 -6.59 -10.47 -4.40
CA LYS A 24 -6.15 -11.84 -4.18
C LYS A 24 -7.13 -12.80 -4.86
N ASP A 25 -6.60 -13.93 -5.28
CA ASP A 25 -7.40 -14.93 -5.95
C ASP A 25 -8.00 -14.35 -7.23
N GLY A 26 -7.45 -13.20 -7.62
CA GLY A 26 -7.91 -12.53 -8.83
C GLY A 26 -9.41 -12.22 -8.74
N ASN A 27 -9.83 -11.76 -7.58
CA ASN A 27 -11.22 -11.43 -7.37
C ASN A 27 -11.49 -10.01 -7.86
N PRO A 28 -12.63 -9.84 -8.57
CA PRO A 28 -13.01 -8.54 -9.09
C PRO A 28 -13.54 -7.64 -7.98
N LEU A 29 -12.66 -6.76 -7.50
CA LEU A 29 -13.02 -5.83 -6.45
C LEU A 29 -14.43 -5.31 -6.69
N PRO A 30 -15.06 -4.82 -5.59
CA PRO A 30 -16.41 -4.29 -5.67
C PRO A 30 -16.43 -2.92 -6.34
N PRO A 31 -17.06 -2.87 -7.55
CA PRO A 31 -17.14 -1.63 -8.30
C PRO A 31 -18.18 -0.70 -7.69
ZN ZN B . -6.72 -3.01 -2.51
N PRO A 1 -6.72 -0.38 9.32
CA PRO A 1 -5.62 0.57 9.35
C PRO A 1 -5.10 0.85 7.94
N PRO A 2 -4.28 1.92 7.83
CA PRO A 2 -3.70 2.30 6.55
C PRO A 2 -2.57 1.35 6.16
N GLY A 3 -1.84 1.76 5.13
CA GLY A 3 -0.73 0.95 4.64
C GLY A 3 0.57 1.77 4.62
N LEU A 4 0.90 2.31 5.78
CA LEU A 4 2.10 3.11 5.91
C LEU A 4 3.34 2.21 5.76
N CYS A 5 4.01 2.35 4.62
CA CYS A 5 5.19 1.56 4.35
C CYS A 5 6.13 1.66 5.56
N PRO A 6 6.18 0.54 6.32
CA PRO A 6 7.03 0.48 7.51
C PRO A 6 8.51 0.34 7.12
N ARG A 7 8.74 0.31 5.81
CA ARG A 7 10.09 0.17 5.30
C ARG A 7 10.72 1.54 5.08
N CYS A 8 10.18 2.27 4.11
CA CYS A 8 10.67 3.59 3.79
C CYS A 8 10.06 4.58 4.78
N LYS A 9 8.81 4.33 5.13
CA LYS A 9 8.10 5.19 6.06
C LYS A 9 8.03 6.61 5.50
N LYS A 10 7.89 6.67 4.18
CA LYS A 10 7.81 7.96 3.50
C LYS A 10 6.55 8.01 2.64
N GLY A 11 5.66 7.05 2.89
CA GLY A 11 4.42 6.98 2.15
C GLY A 11 3.66 5.68 2.49
N TYR A 12 2.43 5.62 2.02
CA TYR A 12 1.59 4.47 2.25
C TYR A 12 1.55 3.54 1.03
N HIS A 13 2.12 2.36 1.22
CA HIS A 13 2.17 1.38 0.14
C HIS A 13 2.75 0.07 0.67
N TRP A 14 2.61 -0.98 -0.14
CA TRP A 14 3.11 -2.28 0.24
C TRP A 14 4.60 -2.32 -0.09
N LYS A 15 5.32 -3.11 0.70
CA LYS A 15 6.76 -3.25 0.51
C LYS A 15 7.05 -3.56 -0.96
N SER A 16 6.33 -4.56 -1.47
CA SER A 16 6.51 -4.96 -2.85
C SER A 16 6.10 -3.82 -3.79
N GLU A 17 5.20 -2.99 -3.30
CA GLU A 17 4.72 -1.86 -4.08
C GLU A 17 5.61 -0.64 -3.85
N CYS A 18 6.49 -0.77 -2.86
CA CYS A 18 7.40 0.31 -2.53
C CYS A 18 8.10 0.77 -3.81
N LYS A 19 7.92 2.04 -4.13
CA LYS A 19 8.52 2.61 -5.33
C LYS A 19 9.57 3.64 -4.92
N SER A 20 9.85 3.68 -3.62
CA SER A 20 10.83 4.61 -3.10
C SER A 20 12.23 4.22 -3.54
N LYS A 21 13.14 5.19 -3.50
CA LYS A 21 14.51 4.96 -3.90
C LYS A 21 15.28 4.37 -2.72
N PHE A 22 14.93 4.83 -1.54
CA PHE A 22 15.59 4.36 -0.33
C PHE A 22 14.60 4.29 0.84
N ASP A 23 14.95 3.48 1.83
CA ASP A 23 14.11 3.32 3.00
C ASP A 23 14.97 3.40 4.26
N LYS A 24 14.33 3.19 5.39
CA LYS A 24 15.02 3.24 6.68
C LYS A 24 16.43 2.63 6.50
N ASP A 25 17.33 3.09 7.34
CA ASP A 25 18.71 2.62 7.30
C ASP A 25 19.31 2.94 5.92
N GLY A 26 18.61 3.79 5.19
CA GLY A 26 19.05 4.18 3.86
C GLY A 26 19.21 2.96 2.95
N ASN A 27 18.30 2.02 3.11
CA ASN A 27 18.32 0.81 2.31
C ASN A 27 17.77 1.12 0.90
N PRO A 28 18.40 0.46 -0.11
CA PRO A 28 17.98 0.65 -1.49
C PRO A 28 16.67 -0.08 -1.77
N LEU A 29 15.80 0.61 -2.50
CA LEU A 29 14.51 0.04 -2.85
C LEU A 29 14.49 -0.29 -4.34
N PRO A 30 13.62 -1.28 -4.70
CA PRO A 30 13.49 -1.70 -6.09
C PRO A 30 12.72 -0.66 -6.90
N PRO A 31 12.90 -0.75 -8.25
CA PRO A 31 12.22 0.18 -9.15
C PRO A 31 10.74 -0.19 -9.29
ZN ZN B . 8.22 2.02 0.79
N PRO A 1 -6.72 -0.38 9.32
CA PRO A 1 -5.62 0.57 9.35
C PRO A 1 -5.10 0.85 7.94
N PRO A 2 -5.18 2.14 7.53
CA PRO A 2 -4.73 2.54 6.22
C PRO A 2 -3.20 2.60 6.17
N GLY A 3 -2.59 1.42 6.29
CA GLY A 3 -1.15 1.32 6.26
C GLY A 3 -0.70 -0.12 5.98
N LEU A 4 0.58 -0.36 6.22
CA LEU A 4 1.14 -1.69 6.00
C LEU A 4 0.25 -2.74 6.67
N CYS A 5 -0.44 -3.51 5.85
CA CYS A 5 -1.33 -4.54 6.36
C CYS A 5 -0.59 -5.31 7.45
N PRO A 6 -0.98 -5.01 8.72
CA PRO A 6 -0.37 -5.67 9.86
C PRO A 6 -0.87 -7.10 10.01
N ARG A 7 -1.73 -7.49 9.08
CA ARG A 7 -2.29 -8.83 9.09
C ARG A 7 -1.37 -9.80 8.34
N CYS A 8 -1.22 -9.55 7.05
CA CYS A 8 -0.38 -10.39 6.22
C CYS A 8 1.03 -9.82 6.23
N LYS A 9 1.10 -8.50 6.21
CA LYS A 9 2.38 -7.80 6.22
C LYS A 9 3.11 -8.08 4.90
N LYS A 10 2.37 -7.93 3.81
CA LYS A 10 2.93 -8.15 2.48
C LYS A 10 2.37 -7.11 1.52
N GLY A 11 1.79 -6.07 2.10
CA GLY A 11 1.22 -4.99 1.30
C GLY A 11 0.38 -4.05 2.17
N TYR A 12 0.37 -2.79 1.77
CA TYR A 12 -0.40 -1.79 2.50
C TYR A 12 -1.88 -1.84 2.13
N HIS A 13 -2.71 -1.99 3.15
CA HIS A 13 -4.15 -2.06 2.94
C HIS A 13 -4.85 -2.32 4.27
N TRP A 14 -6.17 -2.23 4.23
CA TRP A 14 -6.96 -2.45 5.43
C TRP A 14 -7.06 -3.96 5.66
N LYS A 15 -7.14 -4.33 6.93
CA LYS A 15 -7.23 -5.73 7.29
C LYS A 15 -8.36 -6.39 6.51
N SER A 16 -9.52 -5.74 6.56
CA SER A 16 -10.69 -6.25 5.86
C SER A 16 -10.48 -6.15 4.33
N GLU A 17 -9.58 -5.25 3.96
CA GLU A 17 -9.28 -5.05 2.55
C GLU A 17 -8.19 -6.03 2.10
N CYS A 18 -7.64 -6.74 3.07
CA CYS A 18 -6.59 -7.70 2.79
C CYS A 18 -7.10 -8.68 1.72
N LYS A 19 -6.43 -8.66 0.58
CA LYS A 19 -6.80 -9.53 -0.52
C LYS A 19 -5.73 -10.61 -0.71
N SER A 20 -4.85 -10.69 0.28
CA SER A 20 -3.77 -11.67 0.24
C SER A 20 -4.33 -13.07 0.49
N LYS A 21 -3.67 -14.05 -0.09
CA LYS A 21 -4.08 -15.44 0.07
C LYS A 21 -3.79 -15.89 1.51
N PHE A 22 -2.61 -15.53 1.98
CA PHE A 22 -2.20 -15.89 3.32
C PHE A 22 -1.75 -14.66 4.11
N ASP A 23 -1.59 -14.86 5.41
CA ASP A 23 -1.17 -13.77 6.29
C ASP A 23 -0.16 -14.31 7.29
N LYS A 24 0.25 -13.43 8.20
CA LYS A 24 1.20 -13.80 9.23
C LYS A 24 0.93 -15.23 9.69
N ASP A 25 1.99 -15.90 10.11
CA ASP A 25 1.87 -17.27 10.58
C ASP A 25 1.38 -18.15 9.43
N GLY A 26 1.40 -17.58 8.23
CA GLY A 26 0.95 -18.30 7.06
C GLY A 26 -0.50 -18.75 7.21
N ASN A 27 -1.31 -17.85 7.74
CA ASN A 27 -2.73 -18.14 7.94
C ASN A 27 -3.49 -17.86 6.65
N PRO A 28 -4.56 -18.68 6.42
CA PRO A 28 -5.38 -18.52 5.23
C PRO A 28 -6.29 -17.30 5.35
N LEU A 29 -5.92 -16.25 4.63
CA LEU A 29 -6.71 -15.02 4.64
C LEU A 29 -8.20 -15.37 4.67
N PRO A 30 -8.78 -15.30 5.89
CA PRO A 30 -10.19 -15.60 6.06
C PRO A 30 -11.07 -14.46 5.53
N PRO A 31 -12.33 -14.81 5.19
CA PRO A 31 -13.27 -13.83 4.69
C PRO A 31 -13.79 -12.93 5.80
ZN ZN B . -3.07 -8.13 3.96
N PRO A 1 -6.72 -0.38 9.32
CA PRO A 1 -5.62 0.57 9.35
C PRO A 1 -5.10 0.85 7.94
N PRO A 2 -5.74 1.84 7.27
CA PRO A 2 -5.35 2.21 5.92
C PRO A 2 -4.04 3.01 5.93
N GLY A 3 -3.54 3.27 4.73
CA GLY A 3 -2.30 4.01 4.59
C GLY A 3 -1.44 3.44 3.46
N LEU A 4 -0.19 3.90 3.42
CA LEU A 4 0.74 3.44 2.39
C LEU A 4 0.70 1.90 2.33
N CYS A 5 0.17 1.41 1.22
CA CYS A 5 0.07 -0.03 1.02
C CYS A 5 1.39 -0.67 1.46
N PRO A 6 1.38 -1.29 2.67
CA PRO A 6 2.56 -1.93 3.20
C PRO A 6 2.83 -3.26 2.49
N ARG A 7 1.98 -3.56 1.53
CA ARG A 7 2.11 -4.78 0.76
C ARG A 7 3.01 -4.57 -0.45
N CYS A 8 2.57 -3.68 -1.33
CA CYS A 8 3.32 -3.38 -2.53
C CYS A 8 4.24 -2.19 -2.24
N LYS A 9 3.68 -1.23 -1.51
CA LYS A 9 4.43 -0.03 -1.16
C LYS A 9 4.62 0.84 -2.40
N LYS A 10 3.52 1.06 -3.11
CA LYS A 10 3.56 1.86 -4.32
C LYS A 10 2.27 2.68 -4.41
N GLY A 11 1.58 2.79 -3.29
CA GLY A 11 0.34 3.52 -3.24
C GLY A 11 -0.41 3.24 -1.93
N TYR A 12 -1.12 4.25 -1.45
CA TYR A 12 -1.89 4.11 -0.23
C TYR A 12 -3.21 3.39 -0.49
N HIS A 13 -3.42 2.31 0.25
CA HIS A 13 -4.64 1.53 0.11
C HIS A 13 -4.56 0.30 1.00
N TRP A 14 -5.71 -0.35 1.16
CA TRP A 14 -5.79 -1.54 1.99
C TRP A 14 -5.11 -2.68 1.24
N LYS A 15 -4.48 -3.57 2.02
CA LYS A 15 -3.79 -4.70 1.45
C LYS A 15 -4.72 -5.43 0.48
N SER A 16 -5.92 -5.70 0.97
CA SER A 16 -6.92 -6.39 0.17
C SER A 16 -7.35 -5.51 -1.01
N GLU A 17 -7.22 -4.21 -0.81
CA GLU A 17 -7.58 -3.25 -1.84
C GLU A 17 -6.42 -3.04 -2.81
N CYS A 18 -5.29 -3.62 -2.45
CA CYS A 18 -4.09 -3.50 -3.28
C CYS A 18 -4.46 -3.92 -4.71
N LYS A 19 -4.44 -2.94 -5.60
CA LYS A 19 -4.77 -3.19 -7.00
C LYS A 19 -3.48 -3.19 -7.82
N SER A 20 -2.36 -3.26 -7.12
CA SER A 20 -1.06 -3.27 -7.77
C SER A 20 -0.83 -4.63 -8.45
N LYS A 21 -0.05 -4.58 -9.53
CA LYS A 21 0.25 -5.79 -10.28
C LYS A 21 1.15 -6.70 -9.44
N PHE A 22 2.17 -6.08 -8.85
CA PHE A 22 3.10 -6.82 -8.02
C PHE A 22 3.25 -6.17 -6.65
N ASP A 23 3.88 -6.90 -5.74
CA ASP A 23 4.09 -6.40 -4.39
C ASP A 23 5.52 -6.70 -3.95
N LYS A 24 5.82 -6.37 -2.70
CA LYS A 24 7.14 -6.60 -2.16
C LYS A 24 7.69 -7.92 -2.70
N ASP A 25 9.01 -7.98 -2.80
CA ASP A 25 9.66 -9.19 -3.30
C ASP A 25 9.22 -9.44 -4.73
N GLY A 26 8.56 -8.45 -5.31
CA GLY A 26 8.07 -8.56 -6.67
C GLY A 26 7.11 -9.74 -6.82
N ASN A 27 6.23 -9.87 -5.84
CA ASN A 27 5.26 -10.95 -5.84
C ASN A 27 4.03 -10.52 -6.65
N PRO A 28 3.38 -11.52 -7.30
CA PRO A 28 2.21 -11.27 -8.10
C PRO A 28 0.99 -11.00 -7.22
N LEU A 29 0.61 -9.73 -7.16
CA LEU A 29 -0.53 -9.33 -6.36
C LEU A 29 -1.65 -10.39 -6.50
N PRO A 30 -1.72 -11.26 -5.47
CA PRO A 30 -2.73 -12.32 -5.46
C PRO A 30 -4.11 -11.76 -5.13
N PRO A 31 -5.01 -11.82 -6.15
CA PRO A 31 -6.36 -11.33 -5.99
C PRO A 31 -7.20 -12.29 -5.14
ZN ZN B . -0.70 -2.22 -3.00
N PRO A 1 -6.72 -0.38 9.32
CA PRO A 1 -5.62 0.57 9.35
C PRO A 1 -5.10 0.85 7.94
N PRO A 2 -5.78 1.80 7.25
CA PRO A 2 -5.40 2.16 5.89
C PRO A 2 -4.12 3.01 5.90
N GLY A 3 -3.01 2.38 5.57
CA GLY A 3 -1.74 3.07 5.52
C GLY A 3 -1.13 3.03 4.12
N LEU A 4 -1.45 4.05 3.35
CA LEU A 4 -0.94 4.14 1.98
C LEU A 4 0.57 3.91 1.99
N CYS A 5 1.04 3.17 1.00
CA CYS A 5 2.45 2.87 0.88
C CYS A 5 3.08 3.90 -0.08
N PRO A 6 3.90 4.79 0.52
CA PRO A 6 4.56 5.83 -0.26
C PRO A 6 5.73 5.24 -1.07
N ARG A 7 5.94 3.95 -0.88
CA ARG A 7 7.01 3.25 -1.58
C ARG A 7 6.53 2.79 -2.95
N CYS A 8 5.57 1.87 -2.93
CA CYS A 8 5.02 1.34 -4.16
C CYS A 8 3.89 2.26 -4.63
N LYS A 9 3.09 2.70 -3.66
CA LYS A 9 1.98 3.58 -3.95
C LYS A 9 0.96 2.84 -4.80
N LYS A 10 0.72 1.59 -4.44
CA LYS A 10 -0.23 0.76 -5.16
C LYS A 10 -1.10 0.00 -4.15
N GLY A 11 -1.28 0.61 -3.00
CA GLY A 11 -2.08 0.01 -1.94
C GLY A 11 -1.76 0.62 -0.58
N TYR A 12 -2.40 0.07 0.44
CA TYR A 12 -2.18 0.55 1.79
C TYR A 12 -1.51 -0.53 2.66
N HIS A 13 -0.26 -0.29 2.99
CA HIS A 13 0.49 -1.22 3.81
C HIS A 13 1.81 -0.57 4.24
N TRP A 14 2.44 -1.19 5.23
CA TRP A 14 3.70 -0.69 5.75
C TRP A 14 4.81 -1.08 4.77
N LYS A 15 5.81 -0.23 4.67
CA LYS A 15 6.92 -0.46 3.77
C LYS A 15 7.43 -1.89 3.97
N SER A 16 7.68 -2.23 5.23
CA SER A 16 8.18 -3.55 5.57
C SER A 16 7.11 -4.60 5.23
N GLU A 17 5.86 -4.17 5.30
CA GLU A 17 4.74 -5.06 5.02
C GLU A 17 4.48 -5.12 3.51
N CYS A 18 5.13 -4.20 2.79
CA CYS A 18 4.98 -4.14 1.36
C CYS A 18 5.21 -5.53 0.78
N LYS A 19 4.17 -6.04 0.12
CA LYS A 19 4.23 -7.37 -0.48
C LYS A 19 4.26 -7.23 -1.99
N SER A 20 4.42 -6.00 -2.44
CA SER A 20 4.47 -5.72 -3.87
C SER A 20 5.79 -6.20 -4.46
N LYS A 21 5.80 -6.36 -5.78
CA LYS A 21 7.00 -6.81 -6.47
C LYS A 21 7.88 -5.60 -6.81
N PHE A 22 7.23 -4.57 -7.31
CA PHE A 22 7.93 -3.34 -7.67
C PHE A 22 7.32 -2.13 -6.99
N ASP A 23 8.08 -1.04 -7.01
CA ASP A 23 7.62 0.19 -6.39
C ASP A 23 7.93 1.37 -7.33
N LYS A 24 7.62 2.57 -6.84
CA LYS A 24 7.86 3.78 -7.61
C LYS A 24 9.17 3.61 -8.40
N ASP A 25 9.21 4.29 -9.54
CA ASP A 25 10.39 4.23 -10.39
C ASP A 25 10.62 2.79 -10.85
N GLY A 26 9.60 1.96 -10.63
CA GLY A 26 9.68 0.57 -11.01
C GLY A 26 10.86 -0.12 -10.32
N ASN A 27 11.04 0.19 -9.05
CA ASN A 27 12.12 -0.39 -8.28
C ASN A 27 11.68 -1.75 -7.73
N PRO A 28 12.68 -2.67 -7.63
CA PRO A 28 12.40 -4.01 -7.12
C PRO A 28 12.21 -3.99 -5.60
N LEU A 29 10.95 -4.10 -5.20
CA LEU A 29 10.61 -4.10 -3.79
C LEU A 29 11.67 -4.89 -3.02
N PRO A 30 12.62 -4.13 -2.40
CA PRO A 30 13.69 -4.75 -1.63
C PRO A 30 13.16 -5.26 -0.28
N PRO A 31 13.95 -6.17 0.33
CA PRO A 31 13.59 -6.74 1.62
C PRO A 31 13.81 -5.74 2.75
ZN ZN B . 4.32 -1.02 -0.87
N PRO A 1 -6.72 -0.38 9.32
CA PRO A 1 -5.62 0.57 9.35
C PRO A 1 -5.10 0.85 7.94
N PRO A 2 -5.81 1.76 7.23
CA PRO A 2 -5.42 2.13 5.87
C PRO A 2 -4.19 3.02 5.88
N GLY A 3 -3.96 3.68 4.75
CA GLY A 3 -2.82 4.57 4.60
C GLY A 3 -1.58 3.80 4.14
N LEU A 4 -1.74 3.15 2.99
CA LEU A 4 -0.64 2.38 2.42
C LEU A 4 0.48 3.32 2.01
N CYS A 5 1.55 3.30 2.78
CA CYS A 5 2.70 4.16 2.51
C CYS A 5 3.07 4.00 1.04
N PRO A 6 2.73 5.05 0.24
CA PRO A 6 3.03 5.03 -1.18
C PRO A 6 4.51 5.27 -1.43
N ARG A 7 5.25 5.43 -0.34
CA ARG A 7 6.68 5.68 -0.44
C ARG A 7 7.44 4.35 -0.46
N CYS A 8 7.39 3.66 0.68
CA CYS A 8 8.07 2.38 0.80
C CYS A 8 7.17 1.29 0.19
N LYS A 9 5.87 1.50 0.36
CA LYS A 9 4.90 0.55 -0.16
C LYS A 9 5.18 -0.84 0.43
N LYS A 10 5.54 -0.84 1.70
CA LYS A 10 5.84 -2.08 2.39
C LYS A 10 5.06 -2.12 3.72
N GLY A 11 4.11 -1.21 3.83
CA GLY A 11 3.29 -1.12 5.04
C GLY A 11 2.38 0.10 4.99
N TYR A 12 1.43 0.12 5.92
CA TYR A 12 0.48 1.22 5.99
C TYR A 12 0.91 2.23 7.06
N HIS A 13 1.27 3.41 6.60
CA HIS A 13 1.70 4.47 7.50
C HIS A 13 2.01 5.74 6.70
N TRP A 14 1.98 6.86 7.39
CA TRP A 14 2.26 8.14 6.75
C TRP A 14 3.77 8.28 6.62
N LYS A 15 4.18 8.91 5.52
CA LYS A 15 5.59 9.11 5.26
C LYS A 15 6.25 9.77 6.47
N SER A 16 5.50 10.70 7.07
CA SER A 16 6.00 11.41 8.24
C SER A 16 6.31 10.42 9.37
N GLU A 17 5.51 9.37 9.42
CA GLU A 17 5.68 8.35 10.44
C GLU A 17 6.41 7.14 9.85
N CYS A 18 6.67 7.21 8.56
CA CYS A 18 7.35 6.13 7.86
C CYS A 18 8.75 5.96 8.49
N LYS A 19 8.95 4.81 9.10
CA LYS A 19 10.23 4.51 9.73
C LYS A 19 10.91 3.37 8.99
N SER A 20 10.42 3.10 7.79
CA SER A 20 10.97 2.04 6.98
C SER A 20 12.48 2.24 6.79
N LYS A 21 13.08 1.33 6.04
CA LYS A 21 14.51 1.40 5.78
C LYS A 21 14.74 1.80 4.32
N PHE A 22 14.09 1.06 3.43
CA PHE A 22 14.22 1.33 2.00
C PHE A 22 12.84 1.46 1.35
N ASP A 23 12.75 2.42 0.46
CA ASP A 23 11.49 2.66 -0.25
C ASP A 23 11.76 2.69 -1.75
N LYS A 24 10.71 2.98 -2.50
CA LYS A 24 10.82 3.04 -3.96
C LYS A 24 12.17 3.63 -4.34
N ASP A 25 12.67 3.21 -5.49
CA ASP A 25 13.94 3.69 -5.98
C ASP A 25 15.03 3.30 -4.98
N GLY A 26 14.68 2.42 -4.07
CA GLY A 26 15.62 1.96 -3.06
C GLY A 26 16.16 3.13 -2.24
N ASN A 27 15.26 4.03 -1.90
CA ASN A 27 15.63 5.20 -1.11
C ASN A 27 15.64 4.85 0.36
N PRO A 28 16.71 5.32 1.07
CA PRO A 28 16.84 5.05 2.49
C PRO A 28 15.88 5.92 3.31
N LEU A 29 14.76 5.31 3.69
CA LEU A 29 13.75 6.00 4.47
C LEU A 29 14.44 6.90 5.50
N PRO A 30 13.69 7.93 5.97
CA PRO A 30 14.21 8.86 6.96
C PRO A 30 14.25 8.21 8.34
N PRO A 31 15.02 8.86 9.26
CA PRO A 31 15.16 8.36 10.61
C PRO A 31 13.89 8.65 11.43
ZN ZN B . 6.93 3.96 4.50
N PRO A 1 -6.72 -0.38 9.32
CA PRO A 1 -5.62 0.57 9.35
C PRO A 1 -5.10 0.85 7.94
N PRO A 2 -5.95 1.55 7.13
CA PRO A 2 -5.58 1.88 5.77
C PRO A 2 -4.56 3.01 5.74
N GLY A 3 -3.59 2.87 4.85
CA GLY A 3 -2.54 3.87 4.70
C GLY A 3 -1.15 3.22 4.74
N LEU A 4 -0.96 2.27 3.85
CA LEU A 4 0.31 1.56 3.77
C LEU A 4 1.42 2.56 3.42
N CYS A 5 2.59 2.33 4.00
CA CYS A 5 3.73 3.19 3.77
C CYS A 5 4.52 2.63 2.58
N PRO A 6 4.47 3.39 1.45
CA PRO A 6 5.17 2.98 0.25
C PRO A 6 6.68 3.22 0.37
N ARG A 7 7.06 3.74 1.53
CA ARG A 7 8.46 4.02 1.80
C ARG A 7 9.12 2.82 2.49
N CYS A 8 8.68 2.58 3.71
CA CYS A 8 9.22 1.47 4.48
C CYS A 8 8.52 0.19 4.04
N LYS A 9 7.22 0.31 3.80
CA LYS A 9 6.41 -0.82 3.38
C LYS A 9 6.47 -1.91 4.44
N LYS A 10 6.56 -1.48 5.69
CA LYS A 10 6.62 -2.40 6.81
C LYS A 10 5.53 -2.03 7.82
N GLY A 11 4.49 -1.38 7.32
CA GLY A 11 3.39 -0.98 8.17
C GLY A 11 2.51 0.06 7.47
N TYR A 12 1.51 0.55 8.20
CA TYR A 12 0.61 1.54 7.65
C TYR A 12 0.76 2.88 8.39
N HIS A 13 1.17 3.89 7.62
CA HIS A 13 1.35 5.21 8.19
C HIS A 13 1.79 6.17 7.08
N TRP A 14 1.59 7.46 7.34
CA TRP A 14 1.96 8.49 6.38
C TRP A 14 3.49 8.60 6.39
N LYS A 15 4.03 8.97 5.23
CA LYS A 15 5.47 9.11 5.09
C LYS A 15 6.00 9.99 6.23
N SER A 16 5.37 11.14 6.38
CA SER A 16 5.77 12.08 7.42
C SER A 16 5.50 11.46 8.80
N GLU A 17 4.55 10.55 8.84
CA GLU A 17 4.19 9.89 10.09
C GLU A 17 5.08 8.67 10.30
N CYS A 18 5.80 8.31 9.25
CA CYS A 18 6.70 7.16 9.32
C CYS A 18 7.58 7.31 10.56
N LYS A 19 7.46 6.34 11.45
CA LYS A 19 8.24 6.34 12.67
C LYS A 19 9.26 5.20 12.64
N SER A 20 9.39 4.61 11.46
CA SER A 20 10.32 3.51 11.28
C SER A 20 11.76 4.05 11.24
N LYS A 21 12.70 3.16 11.55
CA LYS A 21 14.10 3.53 11.55
C LYS A 21 14.69 3.33 10.15
N PHE A 22 14.20 2.30 9.48
CA PHE A 22 14.66 2.01 8.13
C PHE A 22 13.48 1.81 7.18
N ASP A 23 13.77 1.94 5.90
CA ASP A 23 12.75 1.77 4.88
C ASP A 23 13.29 0.89 3.75
N LYS A 24 12.47 0.72 2.73
CA LYS A 24 12.85 -0.10 1.58
C LYS A 24 14.34 0.11 1.30
N ASP A 25 14.95 -0.92 0.73
CA ASP A 25 16.36 -0.87 0.40
C ASP A 25 17.18 -0.68 1.69
N GLY A 26 16.49 -0.84 2.81
CA GLY A 26 17.14 -0.68 4.10
C GLY A 26 17.72 0.72 4.26
N ASN A 27 16.96 1.69 3.77
CA ASN A 27 17.39 3.08 3.85
C ASN A 27 17.05 3.64 5.24
N PRO A 28 17.90 4.60 5.69
CA PRO A 28 17.70 5.23 6.98
C PRO A 28 16.53 6.21 6.95
N LEU A 29 15.40 5.77 7.48
CA LEU A 29 14.21 6.59 7.51
C LEU A 29 14.61 8.04 7.82
N PRO A 30 14.69 8.86 6.74
CA PRO A 30 15.06 10.26 6.89
C PRO A 30 13.89 11.08 7.46
N PRO A 31 14.26 12.24 8.07
CA PRO A 31 13.26 13.12 8.66
C PRO A 31 12.49 13.88 7.58
ZN ZN B . 7.15 4.23 6.76
N PRO A 1 -6.72 -0.38 9.32
CA PRO A 1 -5.62 0.57 9.35
C PRO A 1 -5.10 0.85 7.94
N PRO A 2 -4.19 1.85 7.85
CA PRO A 2 -3.61 2.22 6.57
C PRO A 2 -2.56 1.19 6.13
N GLY A 3 -1.36 1.36 6.65
CA GLY A 3 -0.27 0.46 6.33
C GLY A 3 0.15 0.61 4.87
N LEU A 4 1.23 1.35 4.66
CA LEU A 4 1.74 1.58 3.32
C LEU A 4 2.15 0.25 2.70
N CYS A 5 1.90 0.13 1.40
CA CYS A 5 2.25 -1.08 0.68
C CYS A 5 3.67 -0.93 0.13
N PRO A 6 4.59 -1.74 0.70
CA PRO A 6 5.98 -1.70 0.28
C PRO A 6 6.17 -2.40 -1.07
N ARG A 7 5.07 -2.97 -1.56
CA ARG A 7 5.10 -3.67 -2.83
C ARG A 7 4.85 -2.68 -3.98
N CYS A 8 3.64 -2.15 -4.01
CA CYS A 8 3.27 -1.20 -5.04
C CYS A 8 3.81 0.18 -4.64
N LYS A 9 3.65 0.49 -3.36
CA LYS A 9 4.11 1.77 -2.84
C LYS A 9 3.33 2.90 -3.51
N LYS A 10 2.06 2.63 -3.74
CA LYS A 10 1.19 3.61 -4.36
C LYS A 10 -0.14 3.68 -3.61
N GLY A 11 -0.04 3.43 -2.30
CA GLY A 11 -1.23 3.45 -1.46
C GLY A 11 -0.99 2.66 -0.17
N TYR A 12 -1.99 2.67 0.69
CA TYR A 12 -1.92 1.97 1.96
C TYR A 12 -2.83 0.74 1.97
N HIS A 13 -2.21 -0.43 2.09
CA HIS A 13 -2.96 -1.67 2.12
C HIS A 13 -1.99 -2.85 2.30
N TRP A 14 -2.55 -3.96 2.73
CA TRP A 14 -1.75 -5.16 2.96
C TRP A 14 -1.41 -5.76 1.59
N LYS A 15 -0.25 -6.39 1.54
CA LYS A 15 0.21 -7.02 0.31
C LYS A 15 -0.92 -7.87 -0.28
N SER A 16 -1.46 -8.74 0.55
CA SER A 16 -2.53 -9.62 0.14
C SER A 16 -3.78 -8.79 -0.18
N GLU A 17 -3.87 -7.63 0.45
CA GLU A 17 -5.00 -6.74 0.24
C GLU A 17 -4.75 -5.84 -0.97
N CYS A 18 -3.51 -5.88 -1.45
CA CYS A 18 -3.14 -5.07 -2.60
C CYS A 18 -4.13 -5.36 -3.73
N LYS A 19 -4.81 -4.30 -4.15
CA LYS A 19 -5.79 -4.42 -5.22
C LYS A 19 -5.26 -3.71 -6.47
N SER A 20 -3.99 -3.34 -6.40
CA SER A 20 -3.35 -2.65 -7.52
C SER A 20 -3.11 -3.63 -8.66
N LYS A 21 -2.75 -3.07 -9.81
CA LYS A 21 -2.48 -3.88 -10.98
C LYS A 21 -0.97 -4.06 -11.15
N PHE A 22 -0.25 -2.98 -10.88
CA PHE A 22 1.20 -3.01 -11.00
C PHE A 22 1.85 -2.56 -9.69
N ASP A 23 3.11 -2.96 -9.53
CA ASP A 23 3.86 -2.61 -8.34
C ASP A 23 5.27 -2.16 -8.73
N LYS A 24 6.08 -1.87 -7.72
CA LYS A 24 7.44 -1.43 -7.96
C LYS A 24 8.01 -2.19 -9.15
N ASP A 25 8.93 -1.52 -9.84
CA ASP A 25 9.57 -2.12 -11.00
C ASP A 25 8.51 -2.42 -12.07
N GLY A 26 7.33 -1.85 -11.85
CA GLY A 26 6.22 -2.05 -12.77
C GLY A 26 5.88 -3.54 -12.91
N ASN A 27 5.91 -4.23 -11.78
CA ASN A 27 5.62 -5.65 -11.78
C ASN A 27 4.10 -5.85 -11.70
N PRO A 28 3.64 -6.97 -12.32
CA PRO A 28 2.22 -7.28 -12.34
C PRO A 28 1.77 -7.80 -10.98
N LEU A 29 1.07 -6.94 -10.25
CA LEU A 29 0.57 -7.30 -8.93
C LEU A 29 0.08 -8.75 -8.96
N PRO A 30 0.95 -9.66 -8.46
CA PRO A 30 0.63 -11.08 -8.42
C PRO A 30 -0.38 -11.37 -7.30
N PRO A 31 -0.99 -12.59 -7.38
CA PRO A 31 -1.97 -13.00 -6.40
C PRO A 31 -1.28 -13.40 -5.08
ZN ZN B . 0.03 -2.77 -3.04
N PRO A 1 -6.72 -0.38 9.32
CA PRO A 1 -5.62 0.57 9.35
C PRO A 1 -5.10 0.85 7.94
N PRO A 2 -5.76 1.83 7.27
CA PRO A 2 -5.36 2.20 5.91
C PRO A 2 -4.07 3.01 5.92
N GLY A 3 -3.80 3.65 4.80
CA GLY A 3 -2.61 4.47 4.65
C GLY A 3 -1.47 3.66 4.02
N LEU A 4 -0.26 4.21 4.13
CA LEU A 4 0.91 3.56 3.57
C LEU A 4 0.97 2.12 4.08
N CYS A 5 0.68 1.20 3.19
CA CYS A 5 0.71 -0.21 3.54
C CYS A 5 1.93 -0.48 4.42
N PRO A 6 1.67 -0.56 5.75
CA PRO A 6 2.75 -0.80 6.69
C PRO A 6 3.19 -2.25 6.66
N ARG A 7 2.59 -3.00 5.75
CA ARG A 7 2.91 -4.42 5.60
C ARG A 7 4.09 -4.59 4.64
N CYS A 8 3.85 -4.20 3.40
CA CYS A 8 4.88 -4.31 2.38
C CYS A 8 5.63 -2.97 2.31
N LYS A 9 4.88 -1.90 2.48
CA LYS A 9 5.46 -0.56 2.44
C LYS A 9 5.93 -0.26 1.01
N LYS A 10 5.03 -0.47 0.06
CA LYS A 10 5.34 -0.22 -1.33
C LYS A 10 4.14 0.47 -2.00
N GLY A 11 3.25 0.96 -1.16
CA GLY A 11 2.06 1.65 -1.65
C GLY A 11 0.99 1.75 -0.56
N TYR A 12 0.15 2.76 -0.69
CA TYR A 12 -0.92 2.98 0.27
C TYR A 12 -2.11 2.06 -0.01
N HIS A 13 -2.49 1.29 1.00
CA HIS A 13 -3.61 0.38 0.87
C HIS A 13 -3.76 -0.43 2.15
N TRP A 14 -4.85 -1.18 2.23
CA TRP A 14 -5.13 -2.00 3.38
C TRP A 14 -4.23 -3.24 3.31
N LYS A 15 -3.86 -3.73 4.47
CA LYS A 15 -3.00 -4.91 4.55
C LYS A 15 -3.62 -6.03 3.70
N SER A 16 -4.90 -6.27 3.93
CA SER A 16 -5.61 -7.30 3.21
C SER A 16 -5.76 -6.89 1.74
N GLU A 17 -5.69 -5.59 1.51
CA GLU A 17 -5.82 -5.06 0.16
C GLU A 17 -4.45 -5.03 -0.53
N CYS A 18 -3.43 -5.42 0.22
CA CYS A 18 -2.08 -5.44 -0.31
C CYS A 18 -2.06 -6.36 -1.54
N LYS A 19 -1.77 -5.75 -2.69
CA LYS A 19 -1.70 -6.49 -3.93
C LYS A 19 -0.26 -6.61 -4.39
N SER A 20 0.64 -6.27 -3.48
CA SER A 20 2.06 -6.33 -3.76
C SER A 20 2.52 -7.79 -3.86
N LYS A 21 3.71 -7.98 -4.39
CA LYS A 21 4.26 -9.31 -4.54
C LYS A 21 5.00 -9.70 -3.26
N PHE A 22 5.83 -8.78 -2.79
CA PHE A 22 6.60 -9.00 -1.57
C PHE A 22 6.32 -7.92 -0.53
N ASP A 23 6.56 -8.27 0.72
CA ASP A 23 6.34 -7.34 1.82
C ASP A 23 7.57 -7.33 2.73
N LYS A 24 7.46 -6.58 3.82
CA LYS A 24 8.54 -6.48 4.77
C LYS A 24 9.23 -7.84 4.91
N ASP A 25 10.52 -7.79 5.21
CA ASP A 25 11.29 -9.01 5.37
C ASP A 25 11.30 -9.79 4.05
N GLY A 26 10.85 -9.11 3.01
CA GLY A 26 10.78 -9.72 1.69
C GLY A 26 9.92 -10.98 1.71
N ASN A 27 8.78 -10.86 2.36
CA ASN A 27 7.84 -11.97 2.46
C ASN A 27 6.92 -11.96 1.26
N PRO A 28 6.60 -13.20 0.76
CA PRO A 28 5.72 -13.33 -0.39
C PRO A 28 4.26 -13.08 0.00
N LEU A 29 3.75 -11.94 -0.45
CA LEU A 29 2.38 -11.57 -0.17
C LEU A 29 1.48 -12.81 -0.26
N PRO A 30 0.39 -12.78 0.54
CA PRO A 30 -0.55 -13.89 0.54
C PRO A 30 -1.41 -13.88 -0.72
N PRO A 31 -1.93 -15.10 -1.07
CA PRO A 31 -2.77 -15.24 -2.25
C PRO A 31 -4.17 -14.70 -2.00
ZN ZN B . 1.11 -3.71 0.53
N PRO A 1 -6.72 -0.38 9.32
CA PRO A 1 -5.62 0.57 9.35
C PRO A 1 -5.10 0.85 7.94
N PRO A 2 -4.17 1.83 7.85
CA PRO A 2 -3.58 2.19 6.58
C PRO A 2 -2.57 1.15 6.11
N GLY A 3 -2.61 0.85 4.83
CA GLY A 3 -1.70 -0.13 4.25
C GLY A 3 -1.16 0.35 2.91
N LEU A 4 -0.42 -0.53 2.26
CA LEU A 4 0.16 -0.22 0.96
C LEU A 4 -0.96 0.08 -0.04
N CYS A 5 -0.77 1.15 -0.79
CA CYS A 5 -1.75 1.56 -1.79
C CYS A 5 -1.57 0.67 -3.02
N PRO A 6 -2.61 -0.17 -3.28
CA PRO A 6 -2.59 -1.06 -4.42
C PRO A 6 -2.84 -0.30 -5.72
N ARG A 7 -2.97 1.01 -5.59
CA ARG A 7 -3.21 1.86 -6.74
C ARG A 7 -1.90 2.50 -7.22
N CYS A 8 -1.39 3.41 -6.40
CA CYS A 8 -0.16 4.09 -6.72
C CYS A 8 1.01 3.16 -6.39
N LYS A 9 0.82 2.38 -5.34
CA LYS A 9 1.84 1.45 -4.91
C LYS A 9 3.16 2.19 -4.72
N LYS A 10 3.04 3.46 -4.33
CA LYS A 10 4.21 4.29 -4.11
C LYS A 10 4.18 4.85 -2.69
N GLY A 11 3.52 4.11 -1.81
CA GLY A 11 3.41 4.53 -0.42
C GLY A 11 2.24 3.82 0.27
N TYR A 12 2.19 3.96 1.59
CA TYR A 12 1.13 3.34 2.37
C TYR A 12 0.03 4.35 2.70
N HIS A 13 -1.15 4.08 2.19
CA HIS A 13 -2.29 4.96 2.42
C HIS A 13 -3.54 4.36 1.76
N TRP A 14 -4.69 4.77 2.28
CA TRP A 14 -5.96 4.29 1.76
C TRP A 14 -6.19 4.96 0.40
N LYS A 15 -6.89 4.24 -0.47
CA LYS A 15 -7.19 4.75 -1.80
C LYS A 15 -7.74 6.17 -1.68
N SER A 16 -8.76 6.31 -0.85
CA SER A 16 -9.38 7.60 -0.64
C SER A 16 -8.40 8.56 0.02
N GLU A 17 -7.45 7.99 0.74
CA GLU A 17 -6.44 8.77 1.44
C GLU A 17 -5.27 9.08 0.49
N CYS A 18 -5.28 8.41 -0.64
CA CYS A 18 -4.23 8.59 -1.63
C CYS A 18 -4.09 10.10 -1.90
N LYS A 19 -2.90 10.60 -1.62
CA LYS A 19 -2.62 12.02 -1.82
C LYS A 19 -1.65 12.17 -3.00
N SER A 20 -1.44 11.08 -3.70
CA SER A 20 -0.54 11.08 -4.85
C SER A 20 -1.23 11.72 -6.04
N LYS A 21 -0.41 12.11 -7.02
CA LYS A 21 -0.92 12.74 -8.22
C LYS A 21 -1.15 11.66 -9.29
N PHE A 22 -0.23 10.71 -9.31
CA PHE A 22 -0.32 9.62 -10.28
C PHE A 22 -0.22 8.26 -9.58
N ASP A 23 -0.65 7.24 -10.30
CA ASP A 23 -0.61 5.88 -9.76
C ASP A 23 -0.06 4.94 -10.83
N LYS A 24 -0.04 3.66 -10.49
CA LYS A 24 0.46 2.64 -11.39
C LYS A 24 0.06 3.00 -12.83
N ASP A 25 0.89 2.56 -13.77
CA ASP A 25 0.63 2.83 -15.17
C ASP A 25 0.64 4.34 -15.41
N GLY A 26 1.11 5.06 -14.40
CA GLY A 26 1.18 6.52 -14.48
C GLY A 26 -0.21 7.12 -14.72
N ASN A 27 -1.19 6.53 -14.03
CA ASN A 27 -2.57 7.00 -14.16
C ASN A 27 -2.77 8.21 -13.24
N PRO A 28 -3.69 9.12 -13.68
CA PRO A 28 -3.99 10.31 -12.91
C PRO A 28 -4.85 9.98 -11.69
N LEU A 29 -4.20 9.96 -10.54
CA LEU A 29 -4.87 9.67 -9.30
C LEU A 29 -6.26 10.31 -9.31
N PRO A 30 -7.28 9.48 -9.63
CA PRO A 30 -8.66 9.98 -9.68
C PRO A 30 -9.22 10.18 -8.27
N PRO A 31 -10.25 11.06 -8.19
CA PRO A 31 -10.89 11.35 -6.91
C PRO A 31 -11.79 10.20 -6.47
ZN ZN B . -2.24 5.83 -3.60
N PRO A 1 -6.72 -0.38 9.32
CA PRO A 1 -5.62 0.57 9.35
C PRO A 1 -5.10 0.85 7.94
N PRO A 2 -4.31 1.94 7.83
CA PRO A 2 -3.74 2.32 6.54
C PRO A 2 -2.57 1.40 6.16
N GLY A 3 -2.93 0.31 5.50
CA GLY A 3 -1.92 -0.66 5.08
C GLY A 3 -1.66 -0.55 3.58
N LEU A 4 -0.41 -0.79 3.21
CA LEU A 4 -0.02 -0.72 1.81
C LEU A 4 -0.86 -1.71 1.00
N CYS A 5 -1.28 -1.26 -0.17
CA CYS A 5 -2.08 -2.09 -1.05
C CYS A 5 -1.14 -2.91 -1.94
N PRO A 6 -1.15 -4.25 -1.69
CA PRO A 6 -0.31 -5.15 -2.45
C PRO A 6 -0.87 -5.38 -3.86
N ARG A 7 -1.99 -4.71 -4.13
CA ARG A 7 -2.63 -4.82 -5.42
C ARG A 7 -2.17 -3.70 -6.35
N CYS A 8 -2.53 -2.48 -5.98
CA CYS A 8 -2.16 -1.32 -6.77
C CYS A 8 -0.76 -0.87 -6.33
N LYS A 9 -0.53 -0.93 -5.02
CA LYS A 9 0.75 -0.54 -4.47
C LYS A 9 1.01 0.94 -4.80
N LYS A 10 -0.04 1.73 -4.67
CA LYS A 10 0.07 3.16 -4.95
C LYS A 10 -0.47 3.94 -3.74
N GLY A 11 -0.44 3.29 -2.58
CA GLY A 11 -0.91 3.91 -1.37
C GLY A 11 -1.24 2.86 -0.30
N TYR A 12 -1.81 3.34 0.79
CA TYR A 12 -2.17 2.45 1.89
C TYR A 12 -3.69 2.37 2.05
N HIS A 13 -4.23 1.21 1.67
CA HIS A 13 -5.67 1.00 1.76
C HIS A 13 -5.98 -0.49 1.55
N TRP A 14 -7.12 -0.90 2.07
CA TRP A 14 -7.55 -2.29 1.95
C TRP A 14 -7.98 -2.52 0.50
N LYS A 15 -7.73 -3.74 0.03
CA LYS A 15 -8.09 -4.10 -1.32
C LYS A 15 -9.54 -3.69 -1.60
N SER A 16 -10.40 -4.04 -0.66
CA SER A 16 -11.82 -3.72 -0.79
C SER A 16 -12.00 -2.20 -0.84
N GLU A 17 -11.13 -1.51 -0.12
CA GLU A 17 -11.18 -0.05 -0.06
C GLU A 17 -10.41 0.54 -1.25
N CYS A 18 -9.66 -0.31 -1.91
CA CYS A 18 -8.87 0.11 -3.06
C CYS A 18 -9.77 0.96 -3.98
N LYS A 19 -9.34 2.19 -4.21
CA LYS A 19 -10.08 3.09 -5.05
C LYS A 19 -9.23 3.49 -6.26
N SER A 20 -8.13 2.76 -6.43
CA SER A 20 -7.24 3.02 -7.54
C SER A 20 -7.90 2.65 -8.86
N LYS A 21 -7.26 3.05 -9.94
CA LYS A 21 -7.79 2.77 -11.27
C LYS A 21 -6.97 1.65 -11.92
N PHE A 22 -5.66 1.73 -11.70
CA PHE A 22 -4.75 0.74 -12.25
C PHE A 22 -3.90 0.10 -11.15
N ASP A 23 -3.65 -1.19 -11.31
CA ASP A 23 -2.85 -1.92 -10.34
C ASP A 23 -1.77 -2.73 -11.08
N LYS A 24 -1.03 -3.51 -10.30
CA LYS A 24 0.03 -4.33 -10.87
C LYS A 24 -0.43 -4.87 -12.22
N ASP A 25 0.55 -5.07 -13.10
CA ASP A 25 0.28 -5.59 -14.43
C ASP A 25 -0.65 -4.61 -15.16
N GLY A 26 -0.78 -3.42 -14.60
CA GLY A 26 -1.61 -2.40 -15.19
C GLY A 26 -3.06 -2.88 -15.33
N ASN A 27 -3.53 -3.53 -14.27
CA ASN A 27 -4.89 -4.05 -14.26
C ASN A 27 -5.85 -2.96 -13.77
N PRO A 28 -7.03 -2.90 -14.44
CA PRO A 28 -8.04 -1.91 -14.08
C PRO A 28 -8.75 -2.30 -12.79
N LEU A 29 -8.35 -1.63 -11.71
CA LEU A 29 -8.94 -1.88 -10.41
C LEU A 29 -10.45 -2.11 -10.57
N PRO A 30 -11.04 -2.77 -9.54
CA PRO A 30 -12.47 -3.05 -9.56
C PRO A 30 -13.28 -1.78 -9.26
N PRO A 31 -14.55 -1.80 -9.73
CA PRO A 31 -15.44 -0.66 -9.52
C PRO A 31 -15.95 -0.63 -8.07
ZN ZN B . -5.23 -0.56 -4.10
#